data_7F2X
#
_entry.id   7F2X
#
_cell.length_a   49.498
_cell.length_b   156.504
_cell.length_c   179.156
_cell.angle_alpha   90.00
_cell.angle_beta   90.00
_cell.angle_gamma   90.00
#
_symmetry.space_group_name_H-M   'F 2 2 2'
#
loop_
_entity.id
_entity.type
_entity.pdbx_description
1 polymer 'MEK1 F11'
2 non-polymer 'PHOSPHOAMINOPHOSPHONIC ACID-ADENYLATE ESTER'
3 water water
#
_entity_poly.entity_id   1
_entity_poly.type   'polypeptide(L)'
_entity_poly.pdbx_seq_one_letter_code
;MTLQQRKRLEAFLTQKQKVGELKDDDFEKISELGAGNGGVVFKVSHKPSGLVMARKLIHLEIKPAIRNQIIRELQVLHES
NSPYIVGFYGAFYSDGEISICMEHMDGGSLDQVLKKAGRIPEQILGKVSIAVIKGLTYLREKHKIMHRDVKPSNILVNSR
GEIKLCDFGVSGQLIDSMANSFVGTRSYMSPERLQGTHYSVQSDIWSMGLSLVEMAVGRYPIGSGSGSMAIFELLDYIVN
EPPPKLPSGVFSLEFQDFVNKCLIKNPAERADLKQLMVHAFIKRSDAEEVDFAGWLCSTIGLNQPSTPTHAAGEGHHHHH
H
;
_entity_poly.pdbx_strand_id   A
#
loop_
_chem_comp.id
_chem_comp.type
_chem_comp.name
_chem_comp.formula
ANP non-polymer 'PHOSPHOAMINOPHOSPHONIC ACID-ADENYLATE ESTER' 'C10 H17 N6 O12 P3'
#
# COMPACT_ATOMS: atom_id res chain seq x y z
N MET A 1 -3.43 -17.27 -10.23
CA MET A 1 -4.65 -16.49 -10.34
C MET A 1 -5.89 -17.36 -10.41
N THR A 2 -7.06 -16.73 -10.48
CA THR A 2 -8.31 -17.45 -10.69
C THR A 2 -9.00 -16.91 -11.94
N LEU A 3 -10.12 -17.51 -12.31
CA LEU A 3 -10.85 -17.11 -13.51
C LEU A 3 -11.26 -15.64 -13.49
N GLN A 4 -11.98 -15.24 -12.45
CA GLN A 4 -12.47 -13.87 -12.34
C GLN A 4 -11.31 -12.88 -12.18
N GLN A 5 -10.25 -13.33 -11.55
CA GLN A 5 -9.08 -12.47 -11.31
C GLN A 5 -8.37 -12.09 -12.60
N ARG A 6 -8.06 -13.09 -13.43
CA ARG A 6 -7.39 -12.87 -14.69
C ARG A 6 -8.29 -12.05 -15.62
N LYS A 7 -9.58 -12.36 -15.59
CA LYS A 7 -10.55 -11.66 -16.43
C LYS A 7 -10.57 -10.16 -16.11
N ARG A 8 -10.60 -9.82 -14.82
CA ARG A 8 -10.62 -8.43 -14.40
C ARG A 8 -9.31 -7.72 -14.73
N LEU A 9 -8.22 -8.46 -14.67
CA LEU A 9 -6.92 -7.90 -15.05
C LEU A 9 -6.85 -7.69 -16.56
N GLU A 10 -7.46 -8.60 -17.31
CA GLU A 10 -7.54 -8.46 -18.76
C GLU A 10 -8.40 -7.25 -19.13
N ALA A 11 -9.53 -7.11 -18.45
CA ALA A 11 -10.45 -6.01 -18.71
C ALA A 11 -9.79 -4.66 -18.44
N PHE A 12 -9.03 -4.58 -17.35
CA PHE A 12 -8.34 -3.36 -16.99
C PHE A 12 -7.30 -2.99 -18.05
N LEU A 13 -6.58 -4.00 -18.53
CA LEU A 13 -5.53 -3.78 -19.52
C LEU A 13 -6.13 -3.26 -20.81
N THR A 14 -7.33 -3.73 -21.14
CA THR A 14 -8.05 -3.27 -22.31
C THR A 14 -8.39 -1.79 -22.18
N GLN A 15 -8.88 -1.41 -21.01
CA GLN A 15 -9.19 -0.02 -20.72
C GLN A 15 -7.94 0.85 -20.82
N LYS A 16 -6.83 0.31 -20.35
CA LYS A 16 -5.55 1.03 -20.36
C LYS A 16 -5.07 1.30 -21.79
N GLN A 17 -5.28 0.33 -22.67
CA GLN A 17 -4.88 0.45 -24.06
C GLN A 17 -5.75 1.45 -24.81
N LYS A 18 -6.99 1.59 -24.37
CA LYS A 18 -7.94 2.49 -25.04
C LYS A 18 -7.68 3.94 -24.69
N VAL A 19 -7.10 4.18 -23.51
CA VAL A 19 -6.86 5.54 -23.02
C VAL A 19 -5.85 6.30 -23.87
N GLY A 20 -4.73 5.64 -24.18
CA GLY A 20 -3.68 6.27 -24.96
C GLY A 20 -2.84 7.23 -24.13
N GLU A 21 -2.28 8.25 -24.80
CA GLU A 21 -1.43 9.23 -24.12
C GLU A 21 -2.20 10.05 -23.11
N LEU A 22 -1.60 10.24 -21.94
CA LEU A 22 -2.22 11.02 -20.87
C LEU A 22 -1.70 12.46 -20.83
N LYS A 23 -2.59 13.41 -21.07
CA LYS A 23 -2.25 14.82 -20.93
C LYS A 23 -3.14 15.47 -19.88
N ASP A 24 -2.61 16.51 -19.22
CA ASP A 24 -3.32 17.19 -18.14
C ASP A 24 -4.65 17.79 -18.58
N ASP A 25 -4.69 18.28 -19.80
CA ASP A 25 -5.87 18.97 -20.32
C ASP A 25 -7.08 18.04 -20.49
N ASP A 26 -6.83 16.73 -20.45
CA ASP A 26 -7.89 15.75 -20.65
C ASP A 26 -8.58 15.35 -19.35
N PHE A 27 -8.18 15.97 -18.25
CA PHE A 27 -8.74 15.60 -16.95
C PHE A 27 -9.63 16.68 -16.36
N GLU A 28 -10.70 16.24 -15.69
CA GLU A 28 -11.57 17.13 -14.93
C GLU A 28 -11.58 16.71 -13.48
N LYS A 29 -11.23 17.62 -12.58
CA LYS A 29 -11.14 17.30 -11.16
C LYS A 29 -12.53 17.15 -10.55
N ILE A 30 -12.75 16.02 -9.87
CA ILE A 30 -14.01 15.77 -9.19
C ILE A 30 -13.88 16.10 -7.72
N SER A 31 -13.14 15.28 -6.99
CA SER A 31 -12.98 15.47 -5.55
C SER A 31 -11.57 15.06 -5.14
N GLU A 32 -11.13 15.57 -3.99
CA GLU A 32 -9.90 15.10 -3.38
C GLU A 32 -10.13 13.75 -2.71
N LEU A 33 -9.20 12.82 -2.90
CA LEU A 33 -9.40 11.46 -2.40
C LEU A 33 -8.79 11.29 -1.03
N GLY A 34 -7.57 11.80 -0.87
CA GLY A 34 -6.86 11.74 0.39
C GLY A 34 -5.65 12.64 0.40
N ALA A 35 -5.08 12.85 1.57
CA ALA A 35 -3.85 13.63 1.69
C ALA A 35 -2.68 12.69 1.96
N GLY A 36 -1.66 12.75 1.10
CA GLY A 36 -0.55 11.81 1.20
C GLY A 36 0.64 12.38 1.93
N ASN A 37 1.65 11.54 2.12
CA ASN A 37 2.91 12.00 2.72
C ASN A 37 3.69 12.88 1.75
N GLY A 38 3.47 12.64 0.45
CA GLY A 38 4.13 13.40 -0.60
C GLY A 38 3.17 13.88 -1.69
N GLY A 39 2.27 14.78 -1.33
CA GLY A 39 1.33 15.34 -2.29
C GLY A 39 -0.07 14.79 -2.14
N VAL A 40 -1.05 15.58 -2.56
CA VAL A 40 -2.46 15.19 -2.46
C VAL A 40 -2.89 14.28 -3.61
N VAL A 41 -3.92 13.47 -3.34
CA VAL A 41 -4.48 12.56 -4.33
C VAL A 41 -5.93 12.93 -4.64
N PHE A 42 -6.24 13.07 -5.93
CA PHE A 42 -7.56 13.52 -6.35
C PHE A 42 -8.31 12.44 -7.13
N LYS A 43 -9.62 12.44 -6.97
CA LYS A 43 -10.50 11.68 -7.86
C LYS A 43 -10.75 12.53 -9.09
N VAL A 44 -10.39 12.01 -10.25
CA VAL A 44 -10.53 12.77 -11.48
C VAL A 44 -11.30 12.00 -12.55
N SER A 45 -11.77 12.73 -13.56
CA SER A 45 -12.46 12.13 -14.69
C SER A 45 -11.67 12.34 -15.98
N HIS A 46 -11.29 11.25 -16.63
CA HIS A 46 -10.61 11.32 -17.90
C HIS A 46 -11.64 11.43 -19.03
N LYS A 47 -11.88 12.66 -19.47
CA LYS A 47 -12.97 12.98 -20.38
C LYS A 47 -13.02 12.20 -21.71
N PRO A 48 -11.88 12.02 -22.41
CA PRO A 48 -11.98 11.31 -23.69
C PRO A 48 -12.53 9.89 -23.57
N SER A 49 -12.19 9.20 -22.49
CA SER A 49 -12.63 7.83 -22.28
C SER A 49 -13.78 7.76 -21.28
N GLY A 50 -13.89 8.77 -20.42
CA GLY A 50 -14.92 8.81 -19.41
C GLY A 50 -14.56 8.02 -18.17
N LEU A 51 -13.30 7.59 -18.10
CA LEU A 51 -12.83 6.77 -16.98
C LEU A 51 -12.56 7.59 -15.73
N VAL A 52 -13.02 7.09 -14.60
CA VAL A 52 -12.71 7.69 -13.30
C VAL A 52 -11.36 7.15 -12.81
N MET A 53 -10.44 8.05 -12.49
CA MET A 53 -9.12 7.63 -12.05
C MET A 53 -8.71 8.33 -10.75
N ALA A 54 -7.70 7.77 -10.08
CA ALA A 54 -7.09 8.44 -8.95
C ALA A 54 -5.81 9.12 -9.42
N ARG A 55 -5.73 10.43 -9.27
CA ARG A 55 -4.58 11.19 -9.74
C ARG A 55 -3.72 11.69 -8.59
N LYS A 56 -2.51 11.15 -8.48
CA LYS A 56 -1.56 11.58 -7.47
C LYS A 56 -0.56 12.57 -8.05
N LEU A 57 -0.39 13.70 -7.36
CA LEU A 57 0.53 14.73 -7.82
C LEU A 57 1.78 14.81 -6.94
N ILE A 58 2.94 14.89 -7.58
CA ILE A 58 4.21 15.02 -6.87
C ILE A 58 4.93 16.28 -7.31
N HIS A 59 5.04 17.24 -6.40
CA HIS A 59 5.74 18.49 -6.68
C HIS A 59 7.23 18.26 -6.91
N LEU A 60 7.68 18.48 -8.14
CA LEU A 60 9.08 18.27 -8.49
C LEU A 60 9.43 18.96 -9.81
N GLU A 61 10.63 19.52 -9.87
CA GLU A 61 11.13 20.14 -11.10
C GLU A 61 11.92 19.13 -11.92
N ILE A 62 11.41 18.80 -13.11
CA ILE A 62 12.09 17.89 -14.02
C ILE A 62 12.45 18.61 -15.32
N LYS A 63 13.74 18.67 -15.61
CA LYS A 63 14.24 19.37 -16.80
C LYS A 63 13.89 18.61 -18.08
N PRO A 64 13.65 19.35 -19.17
CA PRO A 64 13.26 18.81 -20.48
C PRO A 64 14.14 17.65 -20.97
N ALA A 65 15.45 17.78 -20.83
CA ALA A 65 16.38 16.74 -21.25
C ALA A 65 16.18 15.47 -20.41
N ILE A 66 15.80 15.68 -19.16
CA ILE A 66 15.64 14.59 -18.21
C ILE A 66 14.26 13.94 -18.30
N ARG A 67 13.27 14.75 -18.71
CA ARG A 67 11.86 14.39 -18.63
C ARG A 67 11.47 13.07 -19.30
N ASN A 68 11.95 12.86 -20.52
CA ASN A 68 11.54 11.68 -21.29
C ASN A 68 11.96 10.35 -20.67
N GLN A 69 13.17 10.29 -20.13
CA GLN A 69 13.64 9.07 -19.48
C GLN A 69 12.94 8.85 -18.15
N ILE A 70 12.73 9.94 -17.40
CA ILE A 70 12.02 9.87 -16.13
C ILE A 70 10.63 9.26 -16.31
N ILE A 71 9.89 9.75 -17.29
CA ILE A 71 8.55 9.24 -17.57
C ILE A 71 8.61 7.77 -17.99
N ARG A 72 9.52 7.46 -18.91
CA ARG A 72 9.68 6.10 -19.41
C ARG A 72 10.05 5.14 -18.27
N GLU A 73 10.84 5.64 -17.32
CA GLU A 73 11.20 4.86 -16.14
C GLU A 73 9.99 4.65 -15.24
N LEU A 74 9.20 5.70 -15.05
CA LEU A 74 8.01 5.64 -14.21
C LEU A 74 6.99 4.65 -14.76
N GLN A 75 6.85 4.61 -16.08
CA GLN A 75 5.96 3.66 -16.74
C GLN A 75 6.34 2.24 -16.36
N VAL A 76 7.64 1.93 -16.45
CA VAL A 76 8.17 0.61 -16.14
C VAL A 76 8.02 0.27 -14.66
N LEU A 77 8.39 1.22 -13.80
CA LEU A 77 8.36 1.00 -12.36
C LEU A 77 6.97 0.70 -11.81
N HIS A 78 5.95 1.11 -12.56
CA HIS A 78 4.56 0.92 -12.12
C HIS A 78 3.87 -0.25 -12.84
N GLU A 79 4.61 -1.00 -13.65
CA GLU A 79 4.04 -2.09 -14.43
C GLU A 79 3.68 -3.30 -13.58
N SER A 80 2.44 -3.34 -13.09
CA SER A 80 2.00 -4.48 -12.29
C SER A 80 0.93 -5.29 -13.01
N ASN A 81 0.98 -6.61 -12.84
CA ASN A 81 -0.05 -7.49 -13.36
C ASN A 81 -0.57 -8.41 -12.25
N SER A 82 -0.82 -7.80 -11.09
CA SER A 82 -1.31 -8.55 -9.94
C SER A 82 -2.68 -8.05 -9.51
N PRO A 83 -3.56 -8.98 -9.12
CA PRO A 83 -4.88 -8.61 -8.60
C PRO A 83 -4.80 -7.93 -7.24
N TYR A 84 -3.60 -7.93 -6.65
CA TYR A 84 -3.41 -7.43 -5.30
C TYR A 84 -2.59 -6.13 -5.29
N ILE A 85 -2.28 -5.63 -6.47
CA ILE A 85 -1.60 -4.35 -6.60
C ILE A 85 -2.47 -3.39 -7.42
N VAL A 86 -2.65 -2.17 -6.92
CA VAL A 86 -3.51 -1.18 -7.56
C VAL A 86 -3.12 -0.93 -9.01
N GLY A 87 -4.11 -0.97 -9.90
CA GLY A 87 -3.88 -0.79 -11.33
C GLY A 87 -3.24 0.54 -11.67
N PHE A 88 -2.50 0.57 -12.78
CA PHE A 88 -1.76 1.74 -13.19
C PHE A 88 -2.09 2.14 -14.63
N TYR A 89 -2.49 3.40 -14.82
CA TYR A 89 -2.91 3.87 -16.14
C TYR A 89 -1.79 4.55 -16.92
N GLY A 90 -0.99 5.36 -16.22
CA GLY A 90 0.10 6.07 -16.86
C GLY A 90 0.59 7.24 -16.04
N ALA A 91 1.74 7.78 -16.43
CA ALA A 91 2.30 8.94 -15.75
C ALA A 91 2.73 9.99 -16.76
N PHE A 92 2.62 11.26 -16.37
CA PHE A 92 3.07 12.35 -17.22
C PHE A 92 3.55 13.53 -16.38
N TYR A 93 4.03 14.58 -17.05
CA TYR A 93 4.60 15.73 -16.36
C TYR A 93 4.13 17.03 -17.00
N SER A 94 3.81 18.01 -16.15
CA SER A 94 3.40 19.33 -16.62
C SER A 94 3.49 20.38 -15.52
N ASP A 95 4.17 21.48 -15.83
CA ASP A 95 4.24 22.64 -14.95
C ASP A 95 4.77 22.34 -13.56
N GLY A 96 5.95 21.72 -13.50
CA GLY A 96 6.64 21.52 -12.23
C GLY A 96 6.03 20.52 -11.27
N GLU A 97 5.22 19.61 -11.79
CA GLU A 97 4.69 18.51 -10.96
C GLU A 97 4.31 17.28 -11.78
N ILE A 98 4.51 16.12 -11.17
CA ILE A 98 4.30 14.83 -11.84
C ILE A 98 2.95 14.24 -11.48
N SER A 99 2.25 13.72 -12.48
CA SER A 99 0.98 13.05 -12.25
C SER A 99 1.11 11.55 -12.38
N ILE A 100 0.63 10.82 -11.38
CA ILE A 100 0.56 9.37 -11.45
C ILE A 100 -0.90 8.94 -11.43
N CYS A 101 -1.37 8.41 -12.55
CA CYS A 101 -2.77 8.02 -12.68
C CYS A 101 -2.94 6.52 -12.47
N MET A 102 -3.81 6.16 -11.54
CA MET A 102 -4.00 4.76 -11.19
C MET A 102 -5.47 4.39 -11.08
N GLU A 103 -5.73 3.10 -10.90
CA GLU A 103 -7.08 2.59 -10.72
C GLU A 103 -7.74 3.22 -9.50
N HIS A 104 -8.93 3.79 -9.69
CA HIS A 104 -9.68 4.36 -8.58
C HIS A 104 -10.28 3.26 -7.72
N MET A 105 -9.94 3.26 -6.44
CA MET A 105 -10.51 2.31 -5.48
C MET A 105 -11.60 2.99 -4.66
N ASP A 106 -12.85 2.73 -5.01
CA ASP A 106 -13.97 3.49 -4.45
C ASP A 106 -14.26 3.17 -2.98
N GLY A 107 -13.47 2.30 -2.38
CA GLY A 107 -13.60 1.99 -0.97
C GLY A 107 -12.63 2.78 -0.13
N GLY A 108 -11.66 3.41 -0.79
CA GLY A 108 -10.64 4.19 -0.10
C GLY A 108 -9.62 3.29 0.58
N SER A 109 -8.82 3.88 1.46
CA SER A 109 -7.81 3.12 2.20
C SER A 109 -8.36 2.62 3.53
N LEU A 110 -7.69 1.63 4.10
CA LEU A 110 -8.19 0.99 5.32
C LEU A 110 -8.11 1.88 6.55
N ASP A 111 -7.26 2.91 6.52
CA ASP A 111 -7.23 3.87 7.60
C ASP A 111 -8.49 4.73 7.56
N GLN A 112 -9.02 4.95 6.36
CA GLN A 112 -10.28 5.66 6.18
C GLN A 112 -11.44 4.78 6.60
N VAL A 113 -11.40 3.52 6.15
CA VAL A 113 -12.42 2.53 6.52
C VAL A 113 -12.48 2.37 8.04
N LEU A 114 -11.30 2.28 8.65
CA LEU A 114 -11.18 2.11 10.10
C LEU A 114 -11.87 3.23 10.87
N LYS A 115 -11.78 4.45 10.35
CA LYS A 115 -12.35 5.61 11.02
C LYS A 115 -13.88 5.53 11.09
N LYS A 116 -14.49 5.03 10.03
CA LYS A 116 -15.94 4.86 10.00
C LYS A 116 -16.35 3.57 10.70
N ALA A 117 -15.50 2.55 10.61
CA ALA A 117 -15.82 1.24 11.15
C ALA A 117 -15.65 1.18 12.66
N GLY A 118 -14.78 2.04 13.18
CA GLY A 118 -14.37 1.96 14.57
C GLY A 118 -13.24 0.94 14.69
N ARG A 119 -13.58 -0.33 14.55
CA ARG A 119 -12.59 -1.39 14.42
C ARG A 119 -13.06 -2.40 13.36
N ILE A 120 -12.13 -3.17 12.82
CA ILE A 120 -12.44 -4.09 11.74
C ILE A 120 -12.44 -5.53 12.24
N PRO A 121 -13.55 -6.26 12.00
CA PRO A 121 -13.71 -7.64 12.46
C PRO A 121 -12.61 -8.57 11.97
N GLU A 122 -12.30 -9.58 12.79
CA GLU A 122 -11.21 -10.51 12.55
C GLU A 122 -11.30 -11.24 11.21
N GLN A 123 -12.51 -11.67 10.86
CA GLN A 123 -12.71 -12.42 9.62
C GLN A 123 -12.45 -11.55 8.39
N ILE A 124 -12.75 -10.26 8.50
CA ILE A 124 -12.45 -9.33 7.43
C ILE A 124 -10.95 -9.13 7.31
N LEU A 125 -10.29 -9.02 8.47
CA LEU A 125 -8.84 -8.85 8.51
C LEU A 125 -8.14 -10.12 8.02
N GLY A 126 -8.85 -11.24 8.04
CA GLY A 126 -8.33 -12.47 7.49
C GLY A 126 -8.14 -12.34 5.99
N LYS A 127 -9.16 -11.82 5.32
CA LYS A 127 -9.10 -11.61 3.88
C LYS A 127 -8.05 -10.56 3.54
N VAL A 128 -7.91 -9.56 4.41
CA VAL A 128 -6.92 -8.52 4.23
C VAL A 128 -5.51 -9.10 4.32
N SER A 129 -5.29 -9.97 5.29
CA SER A 129 -3.99 -10.61 5.49
C SER A 129 -3.56 -11.41 4.27
N ILE A 130 -4.49 -12.17 3.72
CA ILE A 130 -4.22 -12.98 2.53
C ILE A 130 -3.78 -12.12 1.34
N ALA A 131 -4.48 -11.01 1.14
CA ALA A 131 -4.19 -10.12 0.02
C ALA A 131 -2.85 -9.43 0.17
N VAL A 132 -2.53 -9.02 1.40
CA VAL A 132 -1.27 -8.34 1.67
C VAL A 132 -0.08 -9.29 1.45
N ILE A 133 -0.23 -10.53 1.92
CA ILE A 133 0.81 -11.54 1.76
C ILE A 133 1.09 -11.81 0.28
N LYS A 134 0.03 -12.03 -0.49
CA LYS A 134 0.17 -12.29 -1.92
C LYS A 134 0.68 -11.06 -2.65
N GLY A 135 0.31 -9.88 -2.14
CA GLY A 135 0.79 -8.63 -2.69
C GLY A 135 2.27 -8.46 -2.45
N LEU A 136 2.70 -8.74 -1.22
CA LEU A 136 4.11 -8.66 -0.85
C LEU A 136 4.94 -9.70 -1.59
N THR A 137 4.34 -10.86 -1.83
CA THR A 137 5.01 -11.94 -2.56
C THR A 137 5.29 -11.50 -3.99
N TYR A 138 4.32 -10.83 -4.60
CA TYR A 138 4.46 -10.36 -5.97
C TYR A 138 5.48 -9.23 -6.08
N LEU A 139 5.44 -8.30 -5.12
CA LEU A 139 6.34 -7.16 -5.13
C LEU A 139 7.80 -7.58 -4.96
N ARG A 140 8.06 -8.47 -4.02
CA ARG A 140 9.42 -8.95 -3.74
C ARG A 140 10.00 -9.69 -4.94
N GLU A 141 9.13 -10.27 -5.76
CA GLU A 141 9.56 -10.91 -6.99
C GLU A 141 9.98 -9.87 -8.02
N LYS A 142 9.20 -8.80 -8.10
CA LYS A 142 9.41 -7.79 -9.13
C LYS A 142 10.52 -6.81 -8.75
N HIS A 143 10.57 -6.43 -7.47
CA HIS A 143 11.57 -5.48 -7.01
C HIS A 143 12.44 -6.08 -5.91
N LYS A 144 13.70 -5.65 -5.86
CA LYS A 144 14.61 -6.08 -4.80
C LYS A 144 14.50 -5.14 -3.60
N ILE A 145 14.17 -3.88 -3.88
CA ILE A 145 14.05 -2.87 -2.84
C ILE A 145 12.64 -2.30 -2.75
N MET A 146 12.10 -2.25 -1.53
CA MET A 146 10.81 -1.62 -1.30
C MET A 146 11.02 -0.18 -0.85
N HIS A 147 10.09 0.70 -1.21
CA HIS A 147 10.23 2.12 -0.90
C HIS A 147 9.03 2.64 -0.11
N ARG A 148 8.06 1.78 0.13
CA ARG A 148 6.87 2.15 0.91
C ARG A 148 6.50 1.05 1.90
N ASP A 149 5.88 1.44 3.01
CA ASP A 149 5.59 0.51 4.10
C ASP A 149 4.19 -0.09 4.00
N VAL A 150 4.03 -1.27 4.63
CA VAL A 150 2.71 -1.82 4.85
C VAL A 150 2.05 -1.06 6.00
N LYS A 151 0.95 -0.39 5.69
CA LYS A 151 0.21 0.38 6.69
C LYS A 151 -1.22 0.60 6.18
N PRO A 152 -2.16 0.86 7.09
CA PRO A 152 -3.58 1.04 6.71
C PRO A 152 -3.81 2.03 5.57
N SER A 153 -2.99 3.08 5.49
CA SER A 153 -3.16 4.09 4.45
C SER A 153 -2.66 3.59 3.09
N ASN A 154 -1.95 2.46 3.09
CA ASN A 154 -1.42 1.90 1.85
C ASN A 154 -2.16 0.64 1.38
N ILE A 155 -3.26 0.32 2.05
CA ILE A 155 -4.10 -0.80 1.65
C ILE A 155 -5.44 -0.28 1.15
N LEU A 156 -5.67 -0.43 -0.16
CA LEU A 156 -6.87 0.10 -0.79
C LEU A 156 -7.88 -1.00 -1.07
N VAL A 157 -9.16 -0.66 -0.95
CA VAL A 157 -10.24 -1.62 -1.17
C VAL A 157 -11.33 -1.03 -2.08
N ASN A 158 -12.22 -1.87 -2.60
CA ASN A 158 -13.30 -1.37 -3.45
C ASN A 158 -14.60 -2.17 -3.30
N SER A 159 -15.64 -1.74 -4.03
CA SER A 159 -16.97 -2.34 -3.91
C SER A 159 -17.04 -3.73 -4.55
N ARG A 160 -16.01 -4.11 -5.28
CA ARG A 160 -15.95 -5.45 -5.86
C ARG A 160 -15.36 -6.45 -4.86
N GLY A 161 -15.02 -5.95 -3.68
CA GLY A 161 -14.48 -6.80 -2.63
C GLY A 161 -12.99 -7.03 -2.78
N GLU A 162 -12.35 -6.27 -3.67
CA GLU A 162 -10.92 -6.41 -3.92
C GLU A 162 -10.10 -5.67 -2.86
N ILE A 163 -8.97 -6.28 -2.49
CA ILE A 163 -8.05 -5.69 -1.52
C ILE A 163 -6.67 -5.59 -2.16
N LYS A 164 -6.14 -4.37 -2.24
CA LYS A 164 -4.89 -4.15 -2.98
C LYS A 164 -3.87 -3.29 -2.24
N LEU A 165 -2.60 -3.50 -2.56
CA LEU A 165 -1.52 -2.64 -2.07
C LEU A 165 -1.18 -1.59 -3.11
N CYS A 166 -0.66 -0.45 -2.66
CA CYS A 166 -0.03 0.49 -3.57
C CYS A 166 1.29 -0.13 -4.02
N ASP A 167 1.83 0.35 -5.14
CA ASP A 167 3.06 -0.23 -5.67
C ASP A 167 4.27 0.20 -4.82
N PHE A 168 4.79 -0.74 -4.02
CA PHE A 168 5.91 -0.47 -3.12
C PHE A 168 7.23 -0.23 -3.88
N GLY A 169 7.21 -0.44 -5.19
CA GLY A 169 8.41 -0.28 -6.00
C GLY A 169 8.71 1.17 -6.33
N VAL A 170 7.77 2.06 -6.02
CA VAL A 170 7.92 3.49 -6.31
C VAL A 170 7.55 4.34 -5.10
N SER A 171 8.28 5.43 -4.90
CA SER A 171 7.89 6.45 -3.92
C SER A 171 8.23 7.82 -4.49
N GLY A 172 7.76 8.87 -3.84
CA GLY A 172 8.09 10.22 -4.25
C GLY A 172 9.57 10.48 -4.04
N GLN A 173 10.13 9.81 -3.04
CA GLN A 173 11.54 9.97 -2.71
C GLN A 173 12.43 9.35 -3.77
N LEU A 174 12.02 8.19 -4.29
CA LEU A 174 12.77 7.53 -5.35
C LEU A 174 12.84 8.40 -6.60
N ILE A 175 11.68 8.89 -7.03
CA ILE A 175 11.57 9.75 -8.20
C ILE A 175 12.50 10.95 -8.10
N ASP A 176 12.58 11.51 -6.89
CA ASP A 176 13.50 12.62 -6.63
C ASP A 176 14.94 12.20 -6.89
N SER A 177 15.30 11.02 -6.38
CA SER A 177 16.65 10.48 -6.56
C SER A 177 16.95 10.22 -8.03
N MET A 178 15.95 9.72 -8.75
CA MET A 178 16.08 9.46 -10.18
C MET A 178 16.42 10.73 -10.95
N ALA A 179 15.74 11.81 -10.61
CA ALA A 179 16.01 13.11 -11.22
C ALA A 179 17.41 13.59 -10.87
N ASN A 180 17.80 13.37 -9.61
CA ASN A 180 19.14 13.74 -9.15
C ASN A 180 20.24 12.93 -9.82
N SER A 181 19.91 11.70 -10.21
CA SER A 181 20.90 10.78 -10.77
C SER A 181 21.44 11.24 -12.13
N PHE A 182 20.74 12.15 -12.78
CA PHE A 182 21.17 12.68 -14.07
C PHE A 182 22.20 13.78 -13.91
N VAL A 183 22.22 14.40 -12.73
CA VAL A 183 23.27 15.35 -12.38
C VAL A 183 24.47 14.59 -11.83
N GLY A 184 24.19 13.66 -10.91
CA GLY A 184 25.21 12.86 -10.28
C GLY A 184 24.79 12.46 -8.89
N THR A 185 24.49 11.17 -8.71
CA THR A 185 24.04 10.66 -7.42
C THR A 185 25.16 10.71 -6.38
N ARG A 186 24.86 11.29 -5.23
CA ARG A 186 25.81 11.34 -4.12
C ARG A 186 25.19 10.79 -2.85
N SER A 187 25.56 9.58 -2.47
CA SER A 187 25.09 9.00 -1.21
C SER A 187 26.20 9.05 -0.17
N TYR A 188 25.86 9.56 1.01
CA TYR A 188 26.84 9.67 2.09
C TYR A 188 26.46 8.75 3.24
N MET A 189 25.55 7.83 2.97
CA MET A 189 25.14 6.84 3.96
C MET A 189 26.14 5.69 4.04
N SER A 190 26.51 5.32 5.26
CA SER A 190 27.43 4.22 5.50
C SER A 190 26.87 2.89 4.99
N PRO A 191 27.75 1.90 4.75
CA PRO A 191 27.29 0.59 4.29
C PRO A 191 26.28 -0.06 5.23
N GLU A 192 26.45 0.11 6.54
CA GLU A 192 25.53 -0.50 7.50
C GLU A 192 24.17 0.20 7.48
N ARG A 193 24.17 1.50 7.23
CA ARG A 193 22.91 2.25 7.13
C ARG A 193 22.15 1.86 5.86
N LEU A 194 22.88 1.74 4.76
CA LEU A 194 22.28 1.36 3.49
C LEU A 194 21.70 -0.05 3.54
N GLN A 195 22.39 -0.93 4.26
CA GLN A 195 21.90 -2.29 4.45
C GLN A 195 20.59 -2.27 5.24
N GLY A 196 20.49 -1.34 6.18
CA GLY A 196 19.28 -1.17 6.96
C GLY A 196 18.13 -0.63 6.13
N THR A 197 18.46 0.20 5.14
CA THR A 197 17.46 0.77 4.25
C THR A 197 16.90 -0.29 3.30
N HIS A 198 17.76 -1.22 2.90
CA HIS A 198 17.34 -2.32 2.03
C HIS A 198 16.85 -3.49 2.87
N TYR A 199 15.82 -3.24 3.66
CA TYR A 199 15.27 -4.23 4.59
C TYR A 199 14.65 -5.44 3.88
N SER A 200 14.65 -6.57 4.56
CA SER A 200 14.05 -7.79 4.02
C SER A 200 12.54 -7.76 4.16
N VAL A 201 11.89 -8.83 3.71
CA VAL A 201 10.44 -8.93 3.79
C VAL A 201 9.99 -9.08 5.24
N GLN A 202 10.93 -9.42 6.11
CA GLN A 202 10.65 -9.54 7.54
C GLN A 202 10.17 -8.22 8.14
N SER A 203 10.66 -7.11 7.57
CA SER A 203 10.21 -5.79 8.00
C SER A 203 8.79 -5.52 7.52
N ASP A 204 8.47 -6.00 6.32
CA ASP A 204 7.11 -5.88 5.79
C ASP A 204 6.14 -6.67 6.66
N ILE A 205 6.58 -7.85 7.10
CA ILE A 205 5.77 -8.71 7.95
C ILE A 205 5.50 -8.04 9.30
N TRP A 206 6.52 -7.40 9.85
CA TRP A 206 6.37 -6.61 11.07
C TRP A 206 5.28 -5.55 10.88
N SER A 207 5.40 -4.82 9.77
CA SER A 207 4.47 -3.74 9.45
C SER A 207 3.05 -4.26 9.29
N MET A 208 2.91 -5.43 8.69
CA MET A 208 1.60 -6.05 8.52
C MET A 208 1.00 -6.40 9.87
N GLY A 209 1.82 -6.99 10.74
CA GLY A 209 1.39 -7.37 12.07
C GLY A 209 0.92 -6.19 12.88
N LEU A 210 1.68 -5.09 12.84
CA LEU A 210 1.32 -3.89 13.58
C LEU A 210 0.06 -3.26 13.03
N SER A 211 -0.09 -3.29 11.71
CA SER A 211 -1.27 -2.75 11.06
C SER A 211 -2.51 -3.55 11.40
N LEU A 212 -2.36 -4.87 11.49
CA LEU A 212 -3.47 -5.76 11.82
C LEU A 212 -3.96 -5.51 13.25
N VAL A 213 -3.03 -5.34 14.17
CA VAL A 213 -3.39 -5.01 15.54
C VAL A 213 -4.11 -3.67 15.60
N GLU A 214 -3.58 -2.69 14.86
CA GLU A 214 -4.18 -1.36 14.81
C GLU A 214 -5.62 -1.41 14.32
N MET A 215 -5.85 -2.18 13.25
CA MET A 215 -7.16 -2.24 12.64
C MET A 215 -8.13 -3.11 13.45
N ALA A 216 -7.59 -3.97 14.30
CA ALA A 216 -8.42 -4.87 15.09
C ALA A 216 -8.93 -4.19 16.35
N VAL A 217 -8.17 -3.22 16.85
CA VAL A 217 -8.54 -2.55 18.10
C VAL A 217 -8.93 -1.09 17.86
N GLY A 218 -8.82 -0.64 16.61
CA GLY A 218 -9.26 0.69 16.23
C GLY A 218 -8.35 1.81 16.69
N ARG A 219 -7.06 1.50 16.85
CA ARG A 219 -6.10 2.47 17.33
C ARG A 219 -4.67 1.97 17.11
N TYR A 220 -3.77 2.87 16.73
CA TYR A 220 -2.35 2.56 16.69
C TYR A 220 -1.92 2.08 18.07
N PRO A 221 -1.49 0.82 18.17
CA PRO A 221 -1.35 0.07 19.43
C PRO A 221 -0.26 0.56 20.39
N ILE A 222 0.60 1.47 19.96
CA ILE A 222 1.63 1.99 20.85
C ILE A 222 1.51 3.50 21.02
N GLY A 223 1.00 3.92 22.17
CA GLY A 223 0.75 5.32 22.44
C GLY A 223 2.01 6.15 22.63
N SER A 224 1.92 7.44 22.30
CA SER A 224 3.05 8.34 22.46
C SER A 224 2.55 9.78 22.61
N GLY A 225 3.35 10.63 23.24
CA GLY A 225 2.97 12.02 23.40
C GLY A 225 3.29 12.84 22.18
N SER A 226 3.36 14.16 22.37
CA SER A 226 3.70 15.08 21.29
C SER A 226 5.05 15.75 21.53
N GLY A 227 5.73 16.09 20.45
CA GLY A 227 7.03 16.73 20.53
C GLY A 227 8.16 15.78 20.18
N SER A 228 9.37 16.33 20.06
CA SER A 228 10.54 15.55 19.68
C SER A 228 10.90 14.48 20.71
N MET A 229 10.78 14.83 21.99
CA MET A 229 11.13 13.92 23.07
C MET A 229 10.24 12.67 23.06
N ALA A 230 8.94 12.89 22.90
CA ALA A 230 7.98 11.79 22.90
C ALA A 230 8.14 10.89 21.67
N ILE A 231 8.58 11.49 20.56
CA ILE A 231 8.84 10.74 19.34
C ILE A 231 10.00 9.76 19.55
N PHE A 232 11.10 10.26 20.12
CA PHE A 232 12.28 9.44 20.35
C PHE A 232 11.99 8.33 21.36
N GLU A 233 11.14 8.63 22.32
CA GLU A 233 10.79 7.66 23.36
C GLU A 233 9.92 6.54 22.80
N LEU A 234 9.12 6.87 21.79
CA LEU A 234 8.30 5.87 21.11
C LEU A 234 9.18 4.90 20.32
N LEU A 235 10.09 5.47 19.52
CA LEU A 235 10.95 4.67 18.67
C LEU A 235 11.86 3.77 19.52
N ASP A 236 12.34 4.31 20.64
CA ASP A 236 13.19 3.56 21.55
C ASP A 236 12.39 2.43 22.20
N TYR A 237 11.09 2.65 22.40
CA TYR A 237 10.21 1.65 22.97
C TYR A 237 9.96 0.52 21.97
N ILE A 238 9.81 0.88 20.70
CA ILE A 238 9.64 -0.11 19.64
C ILE A 238 10.87 -0.99 19.50
N VAL A 239 12.05 -0.37 19.61
CA VAL A 239 13.31 -1.08 19.45
C VAL A 239 13.64 -1.98 20.64
N ASN A 240 13.41 -1.49 21.86
CA ASN A 240 13.94 -2.17 23.04
C ASN A 240 12.92 -2.77 24.00
N GLU A 241 11.63 -2.58 23.73
CA GLU A 241 10.60 -3.09 24.64
C GLU A 241 9.67 -4.07 23.92
N PRO A 242 8.97 -4.94 24.68
CA PRO A 242 8.08 -5.95 24.08
C PRO A 242 7.07 -5.36 23.10
N PRO A 243 6.77 -6.08 22.00
CA PRO A 243 5.80 -5.65 21.00
C PRO A 243 4.39 -5.61 21.58
N PRO A 244 3.49 -4.82 20.97
CA PRO A 244 2.10 -4.79 21.44
C PRO A 244 1.38 -6.08 21.09
N LYS A 245 0.29 -6.36 21.79
CA LYS A 245 -0.51 -7.54 21.50
C LYS A 245 -1.99 -7.23 21.68
N LEU A 246 -2.85 -8.07 21.09
CA LEU A 246 -4.29 -7.89 21.16
C LEU A 246 -4.78 -7.99 22.60
N PRO A 247 -5.84 -7.25 22.93
CA PRO A 247 -6.49 -7.37 24.25
C PRO A 247 -7.01 -8.79 24.46
N SER A 248 -6.65 -9.38 25.60
CA SER A 248 -6.98 -10.78 25.86
C SER A 248 -8.49 -11.01 26.02
N GLY A 249 -8.96 -12.14 25.49
CA GLY A 249 -10.35 -12.52 25.63
C GLY A 249 -11.26 -11.98 24.54
N VAL A 250 -10.66 -11.38 23.52
CA VAL A 250 -11.45 -10.76 22.46
C VAL A 250 -11.38 -11.53 21.14
N PHE A 251 -10.15 -11.83 20.71
CA PHE A 251 -9.95 -12.44 19.39
C PHE A 251 -9.59 -13.92 19.50
N SER A 252 -9.68 -14.63 18.39
CA SER A 252 -9.41 -16.06 18.36
C SER A 252 -7.94 -16.35 18.67
N LEU A 253 -7.66 -17.59 19.05
CA LEU A 253 -6.31 -18.01 19.37
C LEU A 253 -5.42 -17.92 18.13
N GLU A 254 -6.00 -18.27 16.98
CA GLU A 254 -5.29 -18.27 15.71
C GLU A 254 -4.83 -16.86 15.33
N PHE A 255 -5.75 -15.90 15.38
CA PHE A 255 -5.45 -14.52 15.05
C PHE A 255 -4.44 -13.94 16.04
N GLN A 256 -4.58 -14.31 17.32
CA GLN A 256 -3.65 -13.87 18.35
C GLN A 256 -2.23 -14.33 18.03
N ASP A 257 -2.08 -15.62 17.74
CA ASP A 257 -0.77 -16.17 17.45
C ASP A 257 -0.21 -15.61 16.14
N PHE A 258 -1.10 -15.36 15.18
CA PHE A 258 -0.70 -14.84 13.88
C PHE A 258 -0.01 -13.48 14.00
N VAL A 259 -0.63 -12.55 14.71
CA VAL A 259 -0.06 -11.22 14.86
C VAL A 259 1.15 -11.23 15.78
N ASN A 260 1.18 -12.17 16.73
CA ASN A 260 2.31 -12.30 17.63
C ASN A 260 3.56 -12.76 16.88
N LYS A 261 3.36 -13.68 15.93
CA LYS A 261 4.47 -14.20 15.15
C LYS A 261 5.00 -13.16 14.17
N CYS A 262 4.15 -12.21 13.79
CA CYS A 262 4.56 -11.12 12.91
C CYS A 262 5.36 -10.06 13.67
N LEU A 263 5.09 -9.94 14.98
CA LEU A 263 5.63 -8.85 15.78
C LEU A 263 6.80 -9.26 16.67
N ILE A 264 7.29 -10.48 16.48
CA ILE A 264 8.46 -10.94 17.21
C ILE A 264 9.62 -10.00 16.93
N LYS A 265 10.32 -9.58 17.99
CA LYS A 265 11.35 -8.54 17.86
C LYS A 265 12.54 -9.00 17.02
N ASN A 266 13.02 -10.22 17.30
CA ASN A 266 14.11 -10.80 16.53
C ASN A 266 13.61 -11.26 15.16
N PRO A 267 14.07 -10.59 14.09
CA PRO A 267 13.61 -10.87 12.72
C PRO A 267 13.94 -12.30 12.26
N ALA A 268 14.95 -12.91 12.87
CA ALA A 268 15.31 -14.28 12.54
C ALA A 268 14.27 -15.25 13.07
N GLU A 269 13.66 -14.90 14.19
CA GLU A 269 12.63 -15.74 14.80
C GLU A 269 11.24 -15.32 14.35
N ARG A 270 11.14 -14.10 13.82
CA ARG A 270 9.91 -13.60 13.23
C ARG A 270 9.51 -14.49 12.06
N ALA A 271 8.21 -14.77 11.94
CA ALA A 271 7.71 -15.65 10.88
C ALA A 271 7.97 -15.06 9.50
N ASP A 272 8.27 -15.91 8.53
CA ASP A 272 8.44 -15.48 7.15
C ASP A 272 7.15 -15.72 6.38
N LEU A 273 7.15 -15.32 5.10
CA LEU A 273 5.94 -15.42 4.26
C LEU A 273 5.42 -16.84 4.13
N LYS A 274 6.33 -17.80 3.96
CA LYS A 274 5.95 -19.21 3.81
C LYS A 274 5.23 -19.73 5.05
N GLN A 275 5.79 -19.47 6.22
CA GLN A 275 5.20 -19.91 7.48
C GLN A 275 3.84 -19.25 7.71
N LEU A 276 3.73 -17.98 7.35
CA LEU A 276 2.49 -17.24 7.51
C LEU A 276 1.36 -17.78 6.62
N MET A 277 1.71 -18.15 5.40
CA MET A 277 0.70 -18.56 4.41
C MET A 277 0.04 -19.89 4.78
N VAL A 278 0.71 -20.70 5.58
CA VAL A 278 0.14 -21.97 6.02
C VAL A 278 -0.26 -21.92 7.48
N HIS A 279 -0.23 -20.73 8.08
CA HIS A 279 -0.62 -20.54 9.47
C HIS A 279 -2.11 -20.85 9.63
N ALA A 280 -2.48 -21.29 10.83
CA ALA A 280 -3.85 -21.69 11.12
C ALA A 280 -4.85 -20.58 10.83
N PHE A 281 -4.45 -19.33 11.08
CA PHE A 281 -5.33 -18.19 10.84
C PHE A 281 -5.59 -17.98 9.35
N ILE A 282 -4.56 -18.17 8.53
CA ILE A 282 -4.68 -17.99 7.10
C ILE A 282 -5.47 -19.15 6.47
N LYS A 283 -5.18 -20.37 6.88
CA LYS A 283 -5.88 -21.54 6.36
C LYS A 283 -7.36 -21.50 6.73
N ARG A 284 -7.67 -20.98 7.92
CA ARG A 284 -9.05 -20.83 8.35
C ARG A 284 -9.74 -19.72 7.55
N SER A 285 -9.02 -18.62 7.35
CA SER A 285 -9.57 -17.48 6.62
C SER A 285 -9.84 -17.81 5.16
N ASP A 286 -8.95 -18.59 4.55
CA ASP A 286 -9.10 -18.97 3.15
C ASP A 286 -10.33 -19.85 2.94
N ALA A 287 -10.66 -20.64 3.95
CA ALA A 287 -11.82 -21.53 3.89
C ALA A 287 -13.11 -20.74 4.13
N GLU A 288 -13.03 -19.71 4.97
CA GLU A 288 -14.19 -18.89 5.30
C GLU A 288 -14.77 -18.19 4.08
N GLU A 289 -16.09 -18.28 3.93
CA GLU A 289 -16.78 -17.53 2.89
C GLU A 289 -17.20 -16.17 3.42
N VAL A 290 -16.34 -15.18 3.22
CA VAL A 290 -16.58 -13.86 3.77
C VAL A 290 -17.08 -12.87 2.71
N ASP A 291 -18.18 -12.20 3.01
CA ASP A 291 -18.71 -11.18 2.13
C ASP A 291 -18.06 -9.83 2.44
N PHE A 292 -16.85 -9.65 1.93
CA PHE A 292 -16.09 -8.43 2.18
C PHE A 292 -16.77 -7.22 1.55
N ALA A 293 -17.26 -7.38 0.33
CA ALA A 293 -17.95 -6.31 -0.37
C ALA A 293 -19.19 -5.86 0.38
N GLY A 294 -19.95 -6.83 0.88
CA GLY A 294 -21.15 -6.55 1.65
C GLY A 294 -20.87 -5.81 2.93
N TRP A 295 -19.85 -6.25 3.65
CA TRP A 295 -19.44 -5.59 4.88
C TRP A 295 -18.95 -4.18 4.61
N LEU A 296 -18.19 -4.02 3.53
CA LEU A 296 -17.61 -2.73 3.18
C LEU A 296 -18.70 -1.72 2.81
N CYS A 297 -19.69 -2.17 2.05
CA CYS A 297 -20.75 -1.30 1.58
C CYS A 297 -21.69 -0.89 2.72
N SER A 298 -21.84 -1.77 3.71
CA SER A 298 -22.65 -1.47 4.87
C SER A 298 -21.91 -0.54 5.83
N THR A 299 -20.60 -0.73 5.92
CA THR A 299 -19.78 -0.01 6.88
C THR A 299 -19.54 1.43 6.51
N ILE A 300 -19.12 1.67 5.26
CA ILE A 300 -18.81 3.02 4.81
C ILE A 300 -19.94 3.62 3.98
N GLY A 301 -21.03 2.86 3.84
CA GLY A 301 -22.19 3.32 3.10
C GLY A 301 -21.92 3.47 1.61
N LEU A 302 -21.34 2.45 1.01
CA LEU A 302 -21.03 2.48 -0.42
C LEU A 302 -22.30 2.40 -1.27
N ASN A 303 -23.30 1.67 -0.80
CA ASN A 303 -24.55 1.51 -1.52
C ASN A 303 -25.69 1.15 -0.57
PG ANP B . 3.41 7.04 1.92
O1G ANP B . 4.47 7.45 0.93
O2G ANP B . 2.79 5.71 1.64
O3G ANP B . 3.81 7.26 3.36
PB ANP B . 0.48 7.72 1.80
O1B ANP B . 0.34 6.33 1.27
O2B ANP B . 0.04 7.98 3.21
N3B ANP B . 2.14 8.21 1.64
PA ANP B . -0.68 8.43 -0.66
O1A ANP B . -0.42 9.71 -1.40
O2A ANP B . -0.05 7.15 -1.12
O3A ANP B . -0.37 8.70 0.88
O5' ANP B . -2.26 8.20 -0.57
C5' ANP B . -3.06 9.26 -0.06
C4' ANP B . -4.47 8.75 0.18
O4' ANP B . -5.21 8.87 -1.03
C3' ANP B . -4.48 7.27 0.53
O3' ANP B . -4.39 7.06 1.93
C2' ANP B . -5.83 6.83 0.00
O2' ANP B . -6.84 7.07 0.98
C1' ANP B . -6.09 7.76 -1.17
N9 ANP B . -5.76 7.05 -2.41
C8 ANP B . -4.54 6.87 -2.90
N7 ANP B . -4.56 6.16 -4.05
C5 ANP B . -5.84 5.85 -4.30
C6 ANP B . -6.57 5.12 -5.34
N6 ANP B . -5.93 4.55 -6.38
N1 ANP B . -7.91 5.03 -5.22
C2 ANP B . -8.58 5.59 -4.20
N3 ANP B . -7.97 6.27 -3.21
C4 ANP B . -6.63 6.43 -3.21
#